data_1KSW
#
_entry.id   1KSW
#
_cell.length_a   50.81
_cell.length_b   87.68
_cell.length_c   106.28
_cell.angle_alpha   90
_cell.angle_beta   90
_cell.angle_gamma   90
#
_symmetry.space_group_name_H-M   'P 21 21 21'
#
loop_
_entity.id
_entity.type
_entity.pdbx_description
1 polymer 'PROTO-ONCOGENE TYROSINE-PROTEIN KINASE SRC'
2 non-polymer "N6-BENZYL ADENOSINE-5'-DIPHOSPHATE"
3 water water
#
_entity_poly.entity_id   1
_entity_poly.type   'polypeptide(L)'
_entity_poly.pdbx_seq_one_letter_code
;MVTTFVALYDYESRTETDLSFKKGERLQIVNNTEGDWWLAHSLSTGQTGYIPSNYVAPSDSIQAEEWYFGKITRRESERL
LLNAENPRGTFLVRESETTKGAYCLSVSDFDNAKGLNVKHYKIRKLDSGGFYITSRTQFNSLQQLVAYYSKHADGLCHRL
TTVCPTSKPQTQGLAKDAWEIPRESLRLEVKLGQGCFGEVWMGTWNGTTRVAIKTLKPGTMSPEAFLQEAQVMKKLRHEK
LVQLYAVVSEEPIYIVGEYMSKGSLLDFLKGETGKYLRLPQLVDMAAQIASGMAYVERMNYVHRDLRAANILVGENLVCK
VADFGLARLIEDNEYTARQGAKFPIKWTAPEAALYGRFTIKSDVWSFGILLTELTTKGRVPYPGMVNREVLDQVERGYRM
PCPPECPESLHDLMCQCWRKEPEERPTFEYLQAFLEDYFTSTEPQ(PTR)QPGENL
;
_entity_poly.pdbx_strand_id   A
#
loop_
_chem_comp.id
_chem_comp.type
_chem_comp.name
_chem_comp.formula
NBS non-polymer 'N6-BENZYL ADENOSINE-5'-DIPHOSPHATE' 'C17 H21 N5 O10 P2'
#
# COMPACT_ATOMS: atom_id res chain seq x y z
N THR A 3 -3.04 -33.00 0.84
CA THR A 3 -3.44 -32.26 -0.40
C THR A 3 -4.53 -31.20 -0.17
N THR A 4 -5.16 -31.24 1.00
CA THR A 4 -6.23 -30.31 1.35
C THR A 4 -5.71 -28.91 1.74
N PHE A 5 -6.56 -27.91 1.57
CA PHE A 5 -6.24 -26.53 1.90
C PHE A 5 -7.10 -26.10 3.10
N VAL A 6 -6.61 -25.14 3.87
CA VAL A 6 -7.30 -24.65 5.05
C VAL A 6 -7.65 -23.17 4.93
N ALA A 7 -8.88 -22.80 5.30
CA ALA A 7 -9.35 -21.42 5.22
C ALA A 7 -8.74 -20.51 6.27
N LEU A 8 -7.92 -19.57 5.83
CA LEU A 8 -7.30 -18.64 6.75
C LEU A 8 -8.31 -17.62 7.27
N TYR A 9 -9.33 -17.30 6.46
CA TYR A 9 -10.34 -16.31 6.81
C TYR A 9 -11.69 -16.82 6.37
N ASP A 10 -12.75 -16.15 6.81
CA ASP A 10 -14.08 -16.52 6.35
C ASP A 10 -14.15 -15.89 4.96
N TYR A 11 -15.18 -16.24 4.20
CA TYR A 11 -15.38 -15.66 2.88
C TYR A 11 -16.81 -15.84 2.42
N GLU A 12 -17.50 -14.72 2.28
CA GLU A 12 -18.89 -14.69 1.86
C GLU A 12 -19.09 -15.05 0.40
N SER A 13 -20.23 -15.62 0.06
CA SER A 13 -20.49 -15.94 -1.35
C SER A 13 -20.86 -14.65 -2.10
N ARG A 14 -20.06 -14.27 -3.08
CA ARG A 14 -20.35 -13.08 -3.86
C ARG A 14 -21.15 -13.41 -5.10
N THR A 15 -20.84 -14.54 -5.72
CA THR A 15 -21.58 -14.91 -6.93
C THR A 15 -22.37 -16.19 -6.77
N GLU A 16 -22.99 -16.56 -7.88
CA GLU A 16 -23.78 -17.76 -7.97
C GLU A 16 -22.83 -18.94 -8.16
N THR A 17 -21.58 -18.62 -8.50
CA THR A 17 -20.56 -19.63 -8.83
C THR A 17 -19.33 -19.79 -7.97
N ASP A 18 -19.25 -19.04 -6.89
CA ASP A 18 -18.11 -19.18 -5.99
C ASP A 18 -18.47 -20.10 -4.81
N LEU A 19 -17.64 -20.14 -3.77
CA LEU A 19 -17.87 -21.03 -2.62
C LEU A 19 -17.52 -20.46 -1.23
N SER A 20 -18.53 -20.17 -0.41
CA SER A 20 -18.32 -19.63 0.94
C SER A 20 -17.55 -20.58 1.86
N PHE A 21 -17.07 -20.05 2.98
CA PHE A 21 -16.36 -20.85 3.98
C PHE A 21 -15.88 -20.10 5.26
N LYS A 22 -15.50 -20.88 6.27
CA LYS A 22 -15.08 -20.33 7.54
C LYS A 22 -13.62 -20.58 7.75
N LYS A 23 -13.01 -19.75 8.57
CA LYS A 23 -11.61 -19.91 8.90
C LYS A 23 -11.52 -21.33 9.46
N GLY A 24 -10.47 -22.05 9.11
CA GLY A 24 -10.32 -23.41 9.61
C GLY A 24 -10.94 -24.48 8.71
N GLU A 25 -11.90 -24.09 7.86
CA GLU A 25 -12.56 -25.02 6.96
C GLU A 25 -11.58 -25.53 5.92
N ARG A 26 -11.54 -26.86 5.79
CA ARG A 26 -10.67 -27.51 4.83
C ARG A 26 -11.30 -27.56 3.45
N LEU A 27 -10.46 -27.33 2.45
CA LEU A 27 -10.90 -27.29 1.07
C LEU A 27 -9.97 -28.06 0.19
N GLN A 28 -10.58 -28.86 -0.67
CA GLN A 28 -9.84 -29.65 -1.60
C GLN A 28 -9.64 -28.71 -2.76
N ILE A 29 -8.40 -28.49 -3.17
CA ILE A 29 -8.21 -27.63 -4.32
C ILE A 29 -8.27 -28.56 -5.52
N VAL A 30 -9.49 -28.63 -6.00
CA VAL A 30 -9.95 -29.50 -7.08
C VAL A 30 -9.74 -28.97 -8.49
N ASN A 31 -8.86 -27.99 -8.63
CA ASN A 31 -8.58 -27.37 -9.92
C ASN A 31 -7.81 -26.08 -9.67
N ASN A 32 -6.48 -26.22 -9.60
CA ASN A 32 -5.55 -25.10 -9.34
C ASN A 32 -5.15 -24.32 -10.60
N THR A 33 -5.63 -24.82 -11.74
CA THR A 33 -5.32 -24.29 -13.06
C THR A 33 -5.78 -22.86 -13.42
N GLU A 34 -5.65 -21.97 -12.43
CA GLU A 34 -6.00 -20.56 -12.56
C GLU A 34 -4.90 -19.73 -11.90
N GLY A 35 -5.24 -18.49 -11.56
CA GLY A 35 -4.31 -17.57 -10.92
C GLY A 35 -4.73 -17.10 -9.54
N ASP A 36 -5.74 -16.23 -9.48
CA ASP A 36 -6.20 -15.70 -8.19
C ASP A 36 -7.46 -16.38 -7.61
N TRP A 37 -8.16 -17.17 -8.40
CA TRP A 37 -9.39 -17.84 -7.95
C TRP A 37 -9.36 -19.33 -8.24
N TRP A 38 -9.43 -20.15 -7.19
CA TRP A 38 -9.41 -21.58 -7.40
C TRP A 38 -10.77 -22.22 -7.27
N LEU A 39 -11.04 -23.15 -8.17
CA LEU A 39 -12.27 -23.86 -8.14
C LEU A 39 -11.95 -24.85 -7.04
N ALA A 40 -12.83 -24.96 -6.06
CA ALA A 40 -12.59 -25.87 -4.95
C ALA A 40 -13.87 -26.56 -4.51
N HIS A 41 -13.67 -27.51 -3.61
CA HIS A 41 -14.73 -28.29 -3.05
C HIS A 41 -14.46 -28.31 -1.57
N SER A 42 -15.49 -27.97 -0.79
CA SER A 42 -15.43 -27.95 0.67
C SER A 42 -15.58 -29.36 1.21
N LEU A 43 -14.72 -29.76 2.14
CA LEU A 43 -14.83 -31.09 2.69
C LEU A 43 -15.92 -31.21 3.75
N SER A 44 -16.06 -30.18 4.57
CA SER A 44 -17.10 -30.22 5.59
C SER A 44 -18.47 -30.11 4.91
N THR A 45 -18.73 -28.96 4.28
CA THR A 45 -20.02 -28.76 3.63
C THR A 45 -20.12 -29.64 2.41
N GLY A 46 -19.05 -29.68 1.62
CA GLY A 46 -19.10 -30.46 0.40
C GLY A 46 -19.59 -29.66 -0.79
N GLN A 47 -19.74 -28.34 -0.65
CA GLN A 47 -20.18 -27.48 -1.76
C GLN A 47 -18.98 -27.29 -2.69
N THR A 48 -19.24 -26.93 -3.95
CA THR A 48 -18.20 -26.72 -4.97
C THR A 48 -18.31 -25.31 -5.62
N GLY A 49 -17.18 -24.63 -5.82
CA GLY A 49 -17.26 -23.31 -6.41
C GLY A 49 -15.92 -22.63 -6.40
N TYR A 50 -15.87 -21.38 -6.84
CA TYR A 50 -14.59 -20.66 -6.85
C TYR A 50 -14.26 -20.03 -5.51
N ILE A 51 -12.97 -19.87 -5.24
CA ILE A 51 -12.51 -19.30 -3.97
C ILE A 51 -11.24 -18.47 -4.18
N PRO A 52 -11.08 -17.36 -3.43
CA PRO A 52 -9.92 -16.46 -3.51
C PRO A 52 -8.64 -17.12 -2.95
N SER A 53 -7.68 -17.38 -3.83
CA SER A 53 -6.43 -18.04 -3.46
C SER A 53 -5.71 -17.53 -2.22
N ASN A 54 -5.59 -16.21 -2.08
CA ASN A 54 -4.91 -15.64 -0.92
C ASN A 54 -5.73 -15.80 0.36
N TYR A 55 -6.81 -16.56 0.27
CA TYR A 55 -7.62 -16.80 1.43
C TYR A 55 -7.31 -18.16 2.05
N VAL A 56 -6.48 -18.94 1.38
CA VAL A 56 -6.14 -20.24 1.90
C VAL A 56 -4.65 -20.45 1.97
N ALA A 57 -4.30 -21.63 2.46
CA ALA A 57 -2.93 -22.08 2.61
C ALA A 57 -3.08 -23.59 2.74
N PRO A 58 -1.99 -24.35 2.49
CA PRO A 58 -2.03 -25.81 2.59
C PRO A 58 -2.17 -26.31 4.04
N SER A 59 -2.88 -27.41 4.23
CA SER A 59 -3.03 -27.95 5.58
C SER A 59 -1.65 -28.30 6.13
N ASP A 60 -1.42 -27.96 7.40
CA ASP A 60 -0.14 -28.23 8.06
C ASP A 60 0.99 -27.34 7.56
N SER A 61 0.70 -26.42 6.64
CA SER A 61 1.71 -25.51 6.12
C SER A 61 1.98 -24.38 7.12
N ILE A 62 3.03 -23.60 6.88
CA ILE A 62 3.34 -22.48 7.77
C ILE A 62 2.37 -21.35 7.50
N GLN A 63 2.02 -21.18 6.22
CA GLN A 63 1.07 -20.14 5.81
C GLN A 63 -0.30 -20.33 6.48
N ALA A 64 -0.55 -21.54 6.98
CA ALA A 64 -1.82 -21.86 7.65
C ALA A 64 -1.86 -21.12 8.98
N GLU A 65 -0.67 -20.83 9.48
CA GLU A 65 -0.51 -20.17 10.74
C GLU A 65 -0.87 -18.70 10.75
N GLU A 66 -1.85 -18.39 11.58
CA GLU A 66 -2.36 -17.04 11.76
C GLU A 66 -1.35 -16.03 12.32
N TRP A 67 -0.28 -16.48 12.96
CA TRP A 67 0.73 -15.55 13.52
C TRP A 67 1.98 -15.53 12.69
N TYR A 68 1.87 -16.01 11.46
CA TYR A 68 2.99 -16.04 10.56
C TYR A 68 2.63 -14.99 9.53
N PHE A 69 3.49 -13.99 9.36
CA PHE A 69 3.17 -12.94 8.39
C PHE A 69 3.84 -12.98 7.03
N GLY A 70 4.67 -13.99 6.83
CA GLY A 70 5.34 -14.16 5.57
C GLY A 70 6.49 -13.23 5.34
N LYS A 71 6.50 -12.64 4.16
CA LYS A 71 7.55 -11.73 3.72
C LYS A 71 7.12 -10.25 3.86
N ILE A 72 6.98 -9.81 5.10
CA ILE A 72 6.59 -8.43 5.37
C ILE A 72 7.86 -7.74 5.85
N THR A 73 7.98 -6.42 5.65
CA THR A 73 9.18 -5.72 6.09
C THR A 73 9.10 -5.41 7.56
N ARG A 74 10.23 -5.42 8.23
CA ARG A 74 10.29 -5.11 9.64
C ARG A 74 9.52 -3.79 9.90
N ARG A 75 9.78 -2.79 9.06
CA ARG A 75 9.10 -1.51 9.15
C ARG A 75 7.58 -1.73 9.20
N GLU A 76 7.05 -2.49 8.23
CA GLU A 76 5.61 -2.79 8.16
C GLU A 76 5.01 -3.49 9.36
N SER A 77 5.64 -4.55 9.79
CA SER A 77 5.16 -5.27 10.96
C SER A 77 5.16 -4.26 12.10
N GLU A 78 6.28 -3.57 12.32
CA GLU A 78 6.35 -2.57 13.39
C GLU A 78 5.13 -1.69 13.22
N ARG A 79 4.78 -1.38 11.97
CA ARG A 79 3.60 -0.56 11.78
C ARG A 79 2.45 -1.25 12.49
N LEU A 80 2.16 -2.48 12.07
CA LEU A 80 1.06 -3.23 12.64
C LEU A 80 1.09 -3.37 14.14
N LEU A 81 2.21 -3.88 14.63
CA LEU A 81 2.34 -4.12 16.05
C LEU A 81 2.17 -2.87 16.85
N LEU A 82 2.76 -1.77 16.42
CA LEU A 82 2.63 -0.60 17.22
C LEU A 82 1.25 -0.05 17.37
N ASN A 83 0.26 -0.69 16.76
CA ASN A 83 -1.10 -0.19 16.94
C ASN A 83 -1.42 -0.11 18.45
N ALA A 84 -1.92 1.03 18.91
CA ALA A 84 -2.24 1.25 20.33
C ALA A 84 -3.03 0.15 21.04
N GLU A 85 -4.11 -0.31 20.39
CA GLU A 85 -4.97 -1.36 20.96
C GLU A 85 -4.24 -2.62 21.29
N ASN A 86 -3.05 -2.79 20.74
CA ASN A 86 -2.27 -4.01 20.95
C ASN A 86 -1.62 -4.07 22.32
N PRO A 87 -2.10 -4.99 23.16
CA PRO A 87 -1.54 -5.15 24.51
C PRO A 87 -0.11 -5.59 24.39
N ARG A 88 0.68 -5.40 25.44
CA ARG A 88 2.07 -5.83 25.41
C ARG A 88 2.09 -7.31 25.05
N GLY A 89 3.09 -7.73 24.27
CA GLY A 89 3.18 -9.12 23.91
C GLY A 89 2.44 -9.50 22.65
N THR A 90 1.95 -8.52 21.89
CA THR A 90 1.31 -8.82 20.64
C THR A 90 2.50 -9.17 19.75
N PHE A 91 2.41 -10.24 18.98
CA PHE A 91 3.55 -10.66 18.18
C PHE A 91 3.22 -11.19 16.79
N LEU A 92 4.28 -11.54 16.08
CA LEU A 92 4.17 -12.12 14.76
C LEU A 92 5.49 -12.72 14.38
N VAL A 93 5.43 -13.59 13.39
CA VAL A 93 6.58 -14.31 12.82
C VAL A 93 6.61 -14.12 11.31
N ARG A 94 7.68 -13.49 10.84
CA ARG A 94 7.87 -13.17 9.43
C ARG A 94 9.24 -13.68 9.01
N GLU A 95 9.60 -13.53 7.74
CA GLU A 95 10.91 -13.97 7.26
C GLU A 95 11.93 -12.83 7.43
N SER A 96 13.15 -13.15 7.83
CA SER A 96 14.18 -12.14 7.98
C SER A 96 14.62 -11.71 6.55
N GLU A 97 14.92 -10.43 6.36
CA GLU A 97 15.35 -9.95 5.04
C GLU A 97 16.87 -10.04 4.92
N THR A 98 17.55 -9.87 6.06
CA THR A 98 19.01 -9.90 6.12
C THR A 98 19.64 -11.23 5.71
N THR A 99 19.06 -12.32 6.18
CA THR A 99 19.61 -13.63 5.87
C THR A 99 18.55 -14.41 5.17
N LYS A 100 18.88 -15.02 4.05
CA LYS A 100 17.87 -15.83 3.39
C LYS A 100 17.62 -17.07 4.24
N GLY A 101 16.37 -17.53 4.29
CA GLY A 101 16.04 -18.71 5.08
C GLY A 101 15.65 -18.51 6.53
N ALA A 102 16.37 -17.66 7.28
CA ALA A 102 16.08 -17.41 8.71
C ALA A 102 14.76 -16.66 8.91
N TYR A 103 14.18 -16.76 10.10
CA TYR A 103 12.90 -16.10 10.38
C TYR A 103 13.07 -15.07 11.47
N CYS A 104 12.01 -14.31 11.77
CA CYS A 104 12.09 -13.26 12.77
C CYS A 104 10.81 -13.13 13.60
N LEU A 105 10.96 -13.20 14.93
CA LEU A 105 9.83 -13.09 15.84
C LEU A 105 9.73 -11.68 16.35
N SER A 106 8.72 -10.96 15.91
CA SER A 106 8.60 -9.61 16.38
C SER A 106 7.51 -9.48 17.43
N VAL A 107 7.85 -8.77 18.50
CA VAL A 107 6.97 -8.62 19.65
C VAL A 107 6.86 -7.19 20.14
N SER A 108 5.65 -6.80 20.55
CA SER A 108 5.41 -5.46 21.11
C SER A 108 5.81 -5.54 22.59
N ASP A 109 6.35 -4.45 23.13
CA ASP A 109 6.82 -4.43 24.50
C ASP A 109 6.59 -3.02 24.97
N PHE A 110 6.75 -2.76 26.27
CA PHE A 110 6.60 -1.39 26.76
C PHE A 110 7.66 -1.03 27.75
N ASP A 111 8.29 0.11 27.55
CA ASP A 111 9.37 0.55 28.41
C ASP A 111 8.95 1.77 29.21
N ASN A 112 8.91 1.63 30.53
CA ASN A 112 8.52 2.75 31.39
C ASN A 112 9.28 4.00 30.98
N ALA A 113 10.48 3.79 30.46
CA ALA A 113 11.37 4.85 30.02
C ALA A 113 11.77 4.56 28.57
N LYS A 114 10.83 4.74 27.64
CA LYS A 114 11.04 4.54 26.20
C LYS A 114 9.69 4.34 25.53
N GLY A 115 8.70 3.94 26.31
CA GLY A 115 7.35 3.75 25.80
C GLY A 115 7.15 2.48 25.05
N LEU A 116 6.10 2.43 24.25
CA LEU A 116 5.81 1.25 23.45
C LEU A 116 6.90 1.11 22.39
N ASN A 117 7.15 -0.13 21.99
CA ASN A 117 8.16 -0.44 20.99
C ASN A 117 8.03 -1.93 20.64
N VAL A 118 8.81 -2.38 19.65
CA VAL A 118 8.78 -3.77 19.20
C VAL A 118 10.13 -4.42 19.17
N LYS A 119 10.30 -5.50 19.91
CA LYS A 119 11.57 -6.16 19.90
C LYS A 119 11.51 -7.27 18.85
N HIS A 120 12.64 -7.51 18.18
CA HIS A 120 12.73 -8.53 17.15
C HIS A 120 13.77 -9.53 17.57
N TYR A 121 13.49 -10.80 17.31
CA TYR A 121 14.36 -11.91 17.67
C TYR A 121 14.50 -12.85 16.47
N LYS A 122 15.70 -12.90 15.92
CA LYS A 122 15.93 -13.73 14.77
C LYS A 122 15.89 -15.21 15.17
N ILE A 123 15.24 -15.98 14.33
CA ILE A 123 15.08 -17.40 14.53
C ILE A 123 16.00 -18.08 13.52
N ARG A 124 16.93 -18.86 14.04
CA ARG A 124 17.87 -19.54 13.18
C ARG A 124 17.44 -20.99 12.99
N LYS A 125 17.57 -21.51 11.78
CA LYS A 125 17.24 -22.90 11.51
C LYS A 125 18.56 -23.63 11.25
N LEU A 126 18.89 -24.60 12.08
CA LEU A 126 20.12 -25.34 11.92
C LEU A 126 20.09 -26.32 10.77
N ASP A 127 21.25 -26.92 10.49
CA ASP A 127 21.42 -27.93 9.44
C ASP A 127 20.41 -29.02 9.76
N SER A 128 20.52 -29.50 10.99
CA SER A 128 19.63 -30.50 11.54
C SER A 128 18.23 -30.25 11.03
N GLY A 129 17.86 -28.98 10.94
CA GLY A 129 16.54 -28.57 10.49
C GLY A 129 15.86 -27.84 11.63
N GLY A 130 16.53 -27.83 12.78
CA GLY A 130 16.01 -27.19 13.98
C GLY A 130 15.77 -25.71 13.86
N PHE A 131 15.02 -25.17 14.81
CA PHE A 131 14.69 -23.76 14.85
C PHE A 131 14.98 -23.32 16.24
N TYR A 132 15.39 -22.07 16.39
CA TYR A 132 15.69 -21.57 17.71
C TYR A 132 16.05 -20.12 17.63
N ILE A 133 15.76 -19.42 18.72
CA ILE A 133 16.08 -18.03 18.83
C ILE A 133 17.38 -18.03 19.62
N THR A 134 17.46 -18.95 20.59
CA THR A 134 18.62 -19.15 21.47
C THR A 134 19.07 -20.61 21.39
N SER A 135 20.38 -20.81 21.52
CA SER A 135 20.97 -22.13 21.45
C SER A 135 20.46 -23.10 22.54
N ARG A 136 20.18 -22.58 23.75
CA ARG A 136 19.72 -23.48 24.83
C ARG A 136 18.28 -23.99 24.70
N THR A 137 17.61 -23.65 23.60
CA THR A 137 16.26 -24.11 23.29
C THR A 137 15.89 -23.97 21.82
N GLN A 138 15.80 -25.13 21.18
CA GLN A 138 15.47 -25.24 19.77
C GLN A 138 14.23 -26.13 19.65
N PHE A 139 13.58 -26.11 18.48
CA PHE A 139 12.36 -26.85 18.24
C PHE A 139 12.42 -27.37 16.82
N ASN A 140 11.42 -28.16 16.38
CA ASN A 140 11.41 -28.68 15.00
C ASN A 140 10.51 -27.87 14.08
N SER A 141 9.71 -26.99 14.66
CA SER A 141 8.80 -26.20 13.86
C SER A 141 8.60 -24.85 14.52
N LEU A 142 8.43 -23.82 13.71
CA LEU A 142 8.19 -22.49 14.24
C LEU A 142 7.02 -22.60 15.20
N GLN A 143 6.03 -23.41 14.86
CA GLN A 143 4.87 -23.59 15.72
C GLN A 143 5.21 -24.08 17.12
N GLN A 144 6.20 -24.96 17.25
CA GLN A 144 6.58 -25.46 18.58
C GLN A 144 7.27 -24.35 19.34
N LEU A 145 8.02 -23.54 18.60
CA LEU A 145 8.74 -22.39 19.15
C LEU A 145 7.71 -21.42 19.68
N VAL A 146 6.79 -21.03 18.80
CA VAL A 146 5.77 -20.08 19.14
C VAL A 146 5.00 -20.53 20.36
N ALA A 147 4.35 -21.69 20.24
CA ALA A 147 3.55 -22.24 21.33
C ALA A 147 4.36 -22.23 22.64
N TYR A 148 5.66 -22.52 22.55
CA TYR A 148 6.49 -22.52 23.74
C TYR A 148 6.50 -21.13 24.40
N TYR A 149 6.93 -20.12 23.66
CA TYR A 149 6.98 -18.77 24.19
C TYR A 149 5.59 -18.24 24.52
N SER A 150 4.55 -18.94 24.05
CA SER A 150 3.17 -18.57 24.35
C SER A 150 2.87 -18.85 25.84
N LYS A 151 3.70 -19.69 26.45
CA LYS A 151 3.51 -20.06 27.85
C LYS A 151 4.58 -19.38 28.68
N HIS A 152 5.82 -19.51 28.23
CA HIS A 152 6.95 -18.95 28.96
C HIS A 152 7.77 -17.96 28.14
N ALA A 153 7.98 -16.78 28.70
CA ALA A 153 8.79 -15.74 28.05
C ALA A 153 10.17 -16.33 27.77
N ASP A 154 10.83 -16.79 28.83
CA ASP A 154 12.17 -17.41 28.76
C ASP A 154 13.32 -16.56 28.26
N GLY A 155 13.43 -15.33 28.73
CA GLY A 155 14.50 -14.49 28.24
C GLY A 155 13.98 -13.52 27.18
N LEU A 156 12.80 -13.79 26.62
CA LEU A 156 12.24 -12.87 25.65
C LEU A 156 11.84 -11.66 26.48
N CYS A 157 11.61 -10.56 25.80
CA CYS A 157 11.20 -9.34 26.46
C CYS A 157 9.84 -9.46 27.18
N HIS A 158 9.08 -10.51 26.85
CA HIS A 158 7.74 -10.75 27.39
C HIS A 158 7.12 -11.99 26.75
N ARG A 159 6.09 -12.58 27.38
CA ARG A 159 5.44 -13.78 26.84
C ARG A 159 4.51 -13.44 25.67
N LEU A 160 4.54 -14.24 24.60
CA LEU A 160 3.72 -14.00 23.42
C LEU A 160 2.24 -14.19 23.72
N THR A 161 1.60 -13.12 24.15
CA THR A 161 0.19 -13.10 24.50
C THR A 161 -0.79 -13.25 23.35
N THR A 162 -0.80 -12.27 22.45
CA THR A 162 -1.72 -12.25 21.33
C THR A 162 -1.12 -12.14 19.93
N VAL A 163 -1.65 -12.96 19.02
CA VAL A 163 -1.25 -13.00 17.60
C VAL A 163 -1.53 -11.58 17.09
N CYS A 164 -0.82 -11.11 16.09
CA CYS A 164 -1.08 -9.75 15.58
C CYS A 164 -2.33 -9.72 14.69
N PRO A 165 -3.32 -8.89 15.09
CA PRO A 165 -4.56 -8.77 14.30
C PRO A 165 -4.37 -8.05 12.99
N THR A 166 -4.89 -8.63 11.92
CA THR A 166 -4.79 -8.08 10.60
C THR A 166 -6.17 -8.16 9.95
N SER A 167 -6.36 -7.41 8.87
CA SER A 167 -7.63 -7.35 8.14
C SER A 167 -7.72 -8.39 7.02
N LYS A 168 -8.93 -8.79 6.66
CA LYS A 168 -9.05 -9.74 5.55
C LYS A 168 -8.35 -8.99 4.42
N PRO A 169 -7.50 -9.68 3.66
CA PRO A 169 -6.78 -9.06 2.56
C PRO A 169 -7.66 -8.90 1.34
N GLN A 170 -7.07 -8.33 0.29
CA GLN A 170 -7.75 -8.06 -0.96
C GLN A 170 -7.73 -9.24 -1.91
N THR A 171 -8.90 -9.63 -2.37
CA THR A 171 -8.97 -10.73 -3.33
C THR A 171 -8.68 -10.03 -4.65
N GLN A 172 -7.74 -10.56 -5.44
CA GLN A 172 -7.45 -9.91 -6.72
C GLN A 172 -8.70 -10.03 -7.57
N GLY A 173 -9.44 -8.94 -7.67
CA GLY A 173 -10.64 -8.96 -8.48
C GLY A 173 -11.84 -9.38 -7.65
N LEU A 174 -13.01 -8.94 -8.08
CA LEU A 174 -14.25 -9.25 -7.39
C LEU A 174 -14.60 -10.73 -7.43
N ALA A 175 -14.30 -11.37 -8.56
CA ALA A 175 -14.55 -12.78 -8.75
C ALA A 175 -13.76 -13.26 -9.96
N LYS A 176 -13.79 -14.56 -10.21
CA LYS A 176 -13.04 -15.14 -11.33
C LYS A 176 -13.51 -14.54 -12.65
N ASP A 177 -12.56 -14.22 -13.54
CA ASP A 177 -12.88 -13.65 -14.84
C ASP A 177 -13.55 -12.29 -14.74
N ALA A 178 -13.98 -11.91 -13.54
CA ALA A 178 -14.62 -10.64 -13.32
C ALA A 178 -13.58 -9.57 -13.58
N TRP A 179 -13.94 -8.64 -14.44
CA TRP A 179 -13.09 -7.53 -14.86
C TRP A 179 -13.98 -6.44 -15.44
N GLU A 180 -14.68 -6.74 -16.53
CA GLU A 180 -15.60 -5.76 -17.12
C GLU A 180 -16.97 -6.21 -16.65
N ILE A 181 -17.39 -5.67 -15.51
CA ILE A 181 -18.67 -6.01 -14.85
C ILE A 181 -19.87 -5.14 -15.27
N PRO A 182 -21.08 -5.74 -15.31
CA PRO A 182 -22.24 -4.92 -15.70
C PRO A 182 -22.46 -3.73 -14.77
N ARG A 183 -22.84 -2.60 -15.34
CA ARG A 183 -23.07 -1.37 -14.58
C ARG A 183 -24.03 -1.62 -13.41
N GLU A 184 -25.16 -2.26 -13.70
CA GLU A 184 -26.17 -2.54 -12.68
C GLU A 184 -25.67 -3.33 -11.48
N SER A 185 -24.45 -3.88 -11.54
CA SER A 185 -23.91 -4.64 -10.42
C SER A 185 -23.26 -3.77 -9.36
N LEU A 186 -23.35 -2.45 -9.55
CA LEU A 186 -22.80 -1.51 -8.59
C LEU A 186 -23.87 -0.57 -8.12
N ARG A 187 -23.99 -0.43 -6.82
CA ARG A 187 -24.98 0.49 -6.29
C ARG A 187 -24.16 1.50 -5.54
N LEU A 188 -24.25 2.73 -6.03
CA LEU A 188 -23.52 3.88 -5.49
C LEU A 188 -24.26 4.27 -4.22
N GLU A 189 -23.55 4.38 -3.10
CA GLU A 189 -24.20 4.70 -1.84
C GLU A 189 -23.84 6.07 -1.27
N VAL A 190 -22.55 6.33 -1.09
CA VAL A 190 -22.06 7.58 -0.50
C VAL A 190 -21.12 8.33 -1.45
N LYS A 191 -21.38 9.61 -1.63
CA LYS A 191 -20.52 10.43 -2.49
C LYS A 191 -19.31 10.73 -1.60
N LEU A 192 -18.11 10.44 -2.12
CA LEU A 192 -16.90 10.65 -1.36
C LEU A 192 -16.02 11.84 -1.77
N GLY A 193 -16.11 12.25 -3.04
CA GLY A 193 -15.34 13.38 -3.55
C GLY A 193 -15.74 13.76 -4.96
N GLN A 194 -15.52 15.03 -5.36
CA GLN A 194 -15.83 15.48 -6.73
C GLN A 194 -14.62 16.05 -7.45
N GLY A 195 -13.87 15.14 -8.09
CA GLY A 195 -12.68 15.49 -8.82
C GLY A 195 -12.99 16.35 -10.03
N CYS A 196 -11.94 16.75 -10.74
CA CYS A 196 -12.16 17.60 -11.89
C CYS A 196 -12.84 16.97 -13.09
N PHE A 197 -12.62 15.67 -13.27
CA PHE A 197 -13.21 14.96 -14.40
C PHE A 197 -14.29 13.95 -14.00
N GLY A 198 -14.56 13.82 -12.71
CA GLY A 198 -15.58 12.88 -12.31
C GLY A 198 -15.95 12.87 -10.84
N GLU A 199 -16.70 11.85 -10.44
CA GLU A 199 -17.14 11.72 -9.04
C GLU A 199 -16.66 10.35 -8.50
N VAL A 200 -16.56 10.22 -7.17
CA VAL A 200 -16.11 8.97 -6.55
C VAL A 200 -17.07 8.64 -5.44
N TRP A 201 -17.56 7.41 -5.46
CA TRP A 201 -18.56 6.93 -4.51
C TRP A 201 -18.16 5.66 -3.81
N MET A 202 -18.68 5.47 -2.60
CA MET A 202 -18.42 4.24 -1.86
C MET A 202 -19.63 3.43 -2.26
N GLY A 203 -19.45 2.17 -2.58
CA GLY A 203 -20.61 1.43 -3.00
C GLY A 203 -20.47 -0.05 -2.85
N THR A 204 -21.40 -0.74 -3.46
CA THR A 204 -21.41 -2.17 -3.35
C THR A 204 -21.54 -2.89 -4.66
N TRP A 205 -20.64 -3.84 -4.86
CA TRP A 205 -20.70 -4.64 -6.04
C TRP A 205 -21.47 -5.89 -5.71
N ASN A 206 -22.55 -6.11 -6.45
CA ASN A 206 -23.35 -7.31 -6.28
C ASN A 206 -23.94 -7.45 -4.88
N GLY A 207 -24.31 -6.29 -4.33
CA GLY A 207 -24.94 -6.21 -3.02
C GLY A 207 -24.24 -6.88 -1.86
N THR A 208 -22.93 -7.09 -1.94
CA THR A 208 -22.23 -7.71 -0.84
C THR A 208 -20.93 -6.99 -0.51
N THR A 209 -20.14 -6.71 -1.55
CA THR A 209 -18.83 -6.08 -1.43
C THR A 209 -18.69 -4.56 -1.17
N ARG A 210 -17.75 -4.17 -0.31
CA ARG A 210 -17.49 -2.74 -0.03
C ARG A 210 -16.44 -2.30 -1.04
N VAL A 211 -16.89 -1.49 -2.01
CA VAL A 211 -16.01 -1.04 -3.08
C VAL A 211 -16.08 0.47 -3.26
N ALA A 212 -15.09 1.00 -3.98
CA ALA A 212 -14.99 2.43 -4.26
C ALA A 212 -15.11 2.64 -5.77
N ILE A 213 -16.12 3.39 -6.23
CA ILE A 213 -16.32 3.61 -7.65
C ILE A 213 -16.09 5.03 -8.10
N LYS A 214 -15.37 5.18 -9.19
CA LYS A 214 -15.07 6.49 -9.76
C LYS A 214 -15.86 6.64 -11.06
N THR A 215 -16.60 7.72 -11.17
CA THR A 215 -17.40 7.99 -12.34
C THR A 215 -16.68 9.08 -13.12
N LEU A 216 -16.74 8.97 -14.44
CA LEU A 216 -16.10 9.95 -15.30
C LEU A 216 -17.12 10.55 -16.23
N LYS A 217 -17.14 11.89 -16.27
CA LYS A 217 -18.04 12.61 -17.14
C LYS A 217 -17.79 12.12 -18.57
N PRO A 218 -18.85 11.98 -19.38
CA PRO A 218 -18.63 11.51 -20.76
C PRO A 218 -17.67 12.42 -21.54
N GLY A 219 -17.11 11.89 -22.64
CA GLY A 219 -16.20 12.66 -23.44
C GLY A 219 -14.84 12.77 -22.81
N THR A 220 -14.77 12.61 -21.47
CA THR A 220 -13.54 12.69 -20.69
C THR A 220 -12.40 11.90 -21.36
N MET A 221 -12.66 10.63 -21.67
CA MET A 221 -11.64 9.81 -22.29
C MET A 221 -12.21 8.75 -23.21
N SER A 222 -11.40 8.38 -24.19
CA SER A 222 -11.77 7.36 -25.14
C SER A 222 -11.91 6.03 -24.39
N PRO A 223 -13.10 5.42 -24.43
CA PRO A 223 -13.33 4.13 -23.75
C PRO A 223 -12.37 3.02 -24.21
N GLU A 224 -12.24 2.86 -25.54
CA GLU A 224 -11.37 1.84 -26.12
C GLU A 224 -9.97 1.98 -25.57
N ALA A 225 -9.52 3.23 -25.53
CA ALA A 225 -8.20 3.56 -25.03
C ALA A 225 -8.12 3.24 -23.53
N PHE A 226 -9.20 3.57 -22.83
CA PHE A 226 -9.31 3.32 -21.40
C PHE A 226 -9.15 1.83 -21.15
N LEU A 227 -9.94 1.06 -21.87
CA LEU A 227 -9.94 -0.39 -21.76
C LEU A 227 -8.54 -0.93 -21.97
N GLN A 228 -7.83 -0.34 -22.91
CA GLN A 228 -6.46 -0.73 -23.21
C GLN A 228 -5.53 -0.38 -22.05
N GLU A 229 -5.65 0.86 -21.55
CA GLU A 229 -4.82 1.32 -20.44
C GLU A 229 -5.12 0.50 -19.18
N ALA A 230 -6.40 0.30 -18.94
CA ALA A 230 -6.86 -0.48 -17.80
C ALA A 230 -6.14 -1.82 -17.81
N GLN A 231 -5.95 -2.37 -19.00
CA GLN A 231 -5.27 -3.65 -19.14
C GLN A 231 -3.93 -3.61 -18.46
N VAL A 232 -3.20 -2.52 -18.73
CA VAL A 232 -1.87 -2.34 -18.15
C VAL A 232 -1.97 -2.12 -16.64
N MET A 233 -2.82 -1.17 -16.26
CA MET A 233 -3.02 -0.83 -14.87
C MET A 233 -3.25 -2.11 -14.09
N LYS A 234 -4.24 -2.88 -14.52
CA LYS A 234 -4.65 -4.13 -13.88
C LYS A 234 -3.46 -5.06 -13.54
N LYS A 235 -2.33 -4.89 -14.21
CA LYS A 235 -1.16 -5.73 -13.98
C LYS A 235 -0.25 -5.20 -12.86
N LEU A 236 -0.63 -4.06 -12.31
CA LEU A 236 0.17 -3.48 -11.26
C LEU A 236 -0.35 -3.79 -9.88
N ARG A 237 0.26 -4.76 -9.23
CA ARG A 237 -0.16 -5.07 -7.91
C ARG A 237 0.97 -4.68 -7.00
N HIS A 238 0.61 -3.89 -6.00
CA HIS A 238 1.59 -3.49 -5.02
C HIS A 238 0.92 -3.10 -3.72
N GLU A 239 1.57 -3.48 -2.64
CA GLU A 239 1.10 -3.21 -1.32
C GLU A 239 0.85 -1.71 -1.08
N LYS A 240 1.58 -0.85 -1.75
CA LYS A 240 1.36 0.57 -1.55
C LYS A 240 0.68 1.26 -2.71
N LEU A 241 -0.10 0.50 -3.48
CA LEU A 241 -0.82 1.06 -4.63
C LEU A 241 -2.25 0.62 -4.53
N VAL A 242 -3.15 1.58 -4.63
CA VAL A 242 -4.56 1.34 -4.54
C VAL A 242 -4.92 0.33 -5.61
N GLN A 243 -5.34 -0.88 -5.22
CA GLN A 243 -5.69 -1.91 -6.19
C GLN A 243 -6.92 -1.63 -7.05
N LEU A 244 -6.85 -2.11 -8.29
CA LEU A 244 -7.93 -1.97 -9.26
C LEU A 244 -8.66 -3.30 -9.26
N TYR A 245 -9.99 -3.26 -9.35
CA TYR A 245 -10.79 -4.51 -9.30
C TYR A 245 -11.56 -4.94 -10.53
N ALA A 246 -12.28 -3.99 -11.09
CA ALA A 246 -13.12 -4.19 -12.26
C ALA A 246 -13.51 -2.81 -12.82
N VAL A 247 -14.00 -2.78 -14.05
CA VAL A 247 -14.32 -1.51 -14.69
C VAL A 247 -15.58 -1.56 -15.55
N VAL A 248 -16.23 -0.42 -15.76
CA VAL A 248 -17.41 -0.33 -16.65
C VAL A 248 -16.88 0.48 -17.82
N SER A 249 -16.59 -0.22 -18.91
CA SER A 249 -16.02 0.40 -20.11
C SER A 249 -16.81 1.46 -20.85
N GLU A 250 -18.10 1.25 -21.02
CA GLU A 250 -18.93 2.22 -21.77
C GLU A 250 -19.20 3.42 -20.90
N GLU A 251 -19.28 4.60 -21.51
CA GLU A 251 -19.54 5.82 -20.77
C GLU A 251 -20.93 5.72 -20.21
N PRO A 252 -21.17 6.26 -19.00
CA PRO A 252 -20.19 6.95 -18.15
C PRO A 252 -19.22 5.92 -17.56
N ILE A 253 -17.99 5.90 -18.05
CA ILE A 253 -17.03 4.91 -17.57
C ILE A 253 -16.93 4.88 -16.04
N TYR A 254 -16.85 3.68 -15.49
CA TYR A 254 -16.75 3.52 -14.06
C TYR A 254 -15.46 2.78 -13.73
N ILE A 255 -14.83 3.18 -12.64
CA ILE A 255 -13.63 2.51 -12.20
C ILE A 255 -13.89 2.04 -10.75
N VAL A 256 -13.87 0.72 -10.57
CA VAL A 256 -14.13 0.07 -9.28
C VAL A 256 -12.89 -0.49 -8.63
N GLY A 257 -12.53 0.11 -7.48
CA GLY A 257 -11.34 -0.28 -6.73
C GLY A 257 -11.48 -0.32 -5.21
N GLU A 258 -10.34 -0.43 -4.52
CA GLU A 258 -10.37 -0.54 -3.07
C GLU A 258 -10.78 0.67 -2.28
N TYR A 259 -11.79 0.47 -1.43
CA TYR A 259 -12.28 1.55 -0.60
C TYR A 259 -11.33 1.91 0.52
N MET A 260 -10.73 3.09 0.45
CA MET A 260 -9.84 3.55 1.50
C MET A 260 -10.61 4.50 2.41
N SER A 261 -10.94 3.99 3.59
CA SER A 261 -11.69 4.73 4.58
C SER A 261 -11.16 6.13 4.89
N LYS A 262 -9.92 6.18 5.38
CA LYS A 262 -9.28 7.41 5.79
C LYS A 262 -9.04 8.54 4.78
N GLY A 263 -9.70 8.50 3.61
CA GLY A 263 -9.60 9.58 2.62
C GLY A 263 -8.27 10.08 2.06
N SER A 264 -8.31 11.15 1.25
CA SER A 264 -7.11 11.69 0.61
C SER A 264 -6.11 12.24 1.62
N LEU A 265 -4.83 11.97 1.37
CA LEU A 265 -3.76 12.38 2.28
C LEU A 265 -3.67 13.91 2.37
N LEU A 266 -4.20 14.56 1.35
CA LEU A 266 -4.21 16.01 1.36
C LEU A 266 -5.13 16.36 2.52
N ASP A 267 -6.42 16.06 2.34
CA ASP A 267 -7.46 16.33 3.33
C ASP A 267 -7.04 15.97 4.71
N PHE A 268 -6.65 14.71 4.86
CA PHE A 268 -6.21 14.19 6.13
C PHE A 268 -5.08 15.00 6.72
N LEU A 269 -4.19 15.47 5.85
CA LEU A 269 -3.03 16.25 6.26
C LEU A 269 -3.48 17.52 6.99
N LYS A 270 -4.57 18.12 6.55
CA LYS A 270 -5.05 19.33 7.22
C LYS A 270 -6.13 19.03 8.29
N GLY A 271 -6.48 20.08 9.04
CA GLY A 271 -7.48 19.93 10.07
C GLY A 271 -6.89 19.18 11.25
N GLU A 272 -7.78 18.64 12.09
CA GLU A 272 -7.35 17.91 13.28
C GLU A 272 -6.59 16.63 12.95
N THR A 273 -7.01 15.90 11.91
CA THR A 273 -6.35 14.65 11.54
C THR A 273 -4.83 14.81 11.52
N GLY A 274 -4.35 15.92 10.95
CA GLY A 274 -2.92 16.16 10.89
C GLY A 274 -2.37 17.16 11.89
N LYS A 275 -3.07 17.34 13.01
CA LYS A 275 -2.62 18.29 14.02
C LYS A 275 -1.44 17.72 14.82
N TYR A 276 -1.57 16.50 15.34
CA TYR A 276 -0.46 15.89 16.08
C TYR A 276 0.44 15.05 15.18
N LEU A 277 0.63 15.52 13.95
CA LEU A 277 1.49 14.81 13.01
C LEU A 277 2.88 15.27 13.25
N ARG A 278 3.78 14.33 13.50
CA ARG A 278 5.14 14.71 13.74
C ARG A 278 6.02 14.40 12.54
N LEU A 279 7.23 14.97 12.54
CA LEU A 279 8.14 14.75 11.44
C LEU A 279 8.25 13.26 11.19
N PRO A 280 8.63 12.48 12.23
CA PRO A 280 8.74 11.04 11.98
C PRO A 280 7.57 10.36 11.27
N GLN A 281 6.34 10.79 11.52
CA GLN A 281 5.20 10.15 10.85
C GLN A 281 5.09 10.62 9.43
N LEU A 282 5.32 11.91 9.20
CA LEU A 282 5.24 12.47 7.86
C LEU A 282 6.24 11.78 6.98
N VAL A 283 7.47 11.69 7.47
CA VAL A 283 8.50 11.03 6.71
C VAL A 283 8.01 9.65 6.27
N ASP A 284 7.52 8.86 7.21
CA ASP A 284 7.04 7.55 6.89
C ASP A 284 6.06 7.60 5.73
N MET A 285 5.10 8.51 5.76
CA MET A 285 4.15 8.58 4.67
C MET A 285 4.90 8.74 3.38
N ALA A 286 5.92 9.57 3.40
CA ALA A 286 6.73 9.81 2.21
C ALA A 286 7.39 8.55 1.70
N ALA A 287 8.01 7.79 2.59
CA ALA A 287 8.68 6.56 2.23
C ALA A 287 7.69 5.55 1.71
N GLN A 288 6.46 5.59 2.19
CA GLN A 288 5.51 4.63 1.71
C GLN A 288 5.25 4.99 0.29
N ILE A 289 5.14 6.28 0.06
CA ILE A 289 4.88 6.76 -1.28
C ILE A 289 6.06 6.41 -2.17
N ALA A 290 7.27 6.71 -1.72
CA ALA A 290 8.44 6.39 -2.50
C ALA A 290 8.32 4.95 -2.88
N SER A 291 8.21 4.07 -1.88
CA SER A 291 8.08 2.62 -2.08
C SER A 291 7.09 2.25 -3.19
N GLY A 292 5.92 2.87 -3.18
CA GLY A 292 4.94 2.59 -4.20
C GLY A 292 5.49 3.02 -5.53
N MET A 293 5.92 4.27 -5.61
CA MET A 293 6.51 4.78 -6.81
C MET A 293 7.69 3.92 -7.27
N ALA A 294 8.39 3.30 -6.32
CA ALA A 294 9.54 2.44 -6.64
C ALA A 294 9.11 1.29 -7.52
N TYR A 295 7.96 0.70 -7.24
CA TYR A 295 7.50 -0.40 -8.04
C TYR A 295 6.98 0.10 -9.38
N VAL A 296 6.38 1.29 -9.41
CA VAL A 296 5.87 1.82 -10.69
C VAL A 296 7.10 1.93 -11.58
N GLU A 297 8.17 2.42 -10.97
CA GLU A 297 9.46 2.59 -11.61
C GLU A 297 9.98 1.24 -12.14
N ARG A 298 10.07 0.19 -11.30
CA ARG A 298 10.54 -1.14 -11.73
C ARG A 298 9.62 -1.73 -12.80
N MET A 299 8.37 -1.33 -12.76
CA MET A 299 7.39 -1.78 -13.71
C MET A 299 7.51 -0.98 -14.99
N ASN A 300 8.41 0.00 -14.97
CA ASN A 300 8.64 0.84 -16.11
C ASN A 300 7.33 1.44 -16.51
N TYR A 301 6.71 2.16 -15.58
CA TYR A 301 5.43 2.81 -15.80
C TYR A 301 5.55 4.28 -15.41
N VAL A 302 4.48 5.05 -15.61
CA VAL A 302 4.47 6.50 -15.30
C VAL A 302 3.11 6.91 -14.68
N HIS A 303 3.17 7.64 -13.57
CA HIS A 303 1.94 8.06 -12.94
C HIS A 303 1.31 9.21 -13.69
N ARG A 304 2.12 10.24 -13.95
CA ARG A 304 1.68 11.42 -14.69
C ARG A 304 0.80 12.39 -13.93
N ASP A 305 0.44 12.06 -12.70
CA ASP A 305 -0.43 12.94 -11.91
C ASP A 305 -0.22 12.70 -10.45
N LEU A 306 1.03 12.49 -10.07
CA LEU A 306 1.34 12.23 -8.69
C LEU A 306 1.21 13.49 -7.86
N ARG A 307 0.53 13.37 -6.72
CA ARG A 307 0.34 14.49 -5.79
C ARG A 307 -0.39 14.01 -4.53
N ALA A 308 -0.25 14.77 -3.44
CA ALA A 308 -0.88 14.42 -2.18
C ALA A 308 -2.33 14.03 -2.42
N ALA A 309 -3.06 14.88 -3.13
CA ALA A 309 -4.46 14.61 -3.44
C ALA A 309 -4.66 13.21 -4.02
N ASN A 310 -3.65 12.66 -4.66
CA ASN A 310 -3.76 11.32 -5.21
C ASN A 310 -3.03 10.32 -4.36
N ILE A 311 -3.06 10.54 -3.07
CA ILE A 311 -2.48 9.62 -2.13
C ILE A 311 -3.55 9.37 -1.09
N LEU A 312 -4.03 8.13 -1.03
CA LEU A 312 -5.08 7.79 -0.07
C LEU A 312 -4.55 7.19 1.21
N VAL A 313 -5.29 7.46 2.29
CA VAL A 313 -4.94 6.98 3.63
C VAL A 313 -5.73 5.76 4.13
N GLY A 314 -5.03 4.96 4.93
CA GLY A 314 -5.59 3.74 5.49
C GLY A 314 -5.21 3.58 6.96
N GLU A 315 -5.82 2.59 7.61
CA GLU A 315 -5.60 2.35 9.03
C GLU A 315 -4.13 2.16 9.30
N ASN A 316 -3.68 2.71 10.42
CA ASN A 316 -2.30 2.65 10.86
C ASN A 316 -1.42 3.63 10.12
N LEU A 317 -2.06 4.61 9.49
CA LEU A 317 -1.34 5.65 8.75
C LEU A 317 -0.77 5.08 7.47
N VAL A 318 -1.46 4.14 6.84
CA VAL A 318 -0.97 3.54 5.60
C VAL A 318 -1.26 4.40 4.38
N CYS A 319 -0.29 4.47 3.47
CA CYS A 319 -0.42 5.28 2.27
C CYS A 319 -0.37 4.47 0.99
N LYS A 320 -1.29 4.79 0.08
CA LYS A 320 -1.35 4.13 -1.22
C LYS A 320 -1.50 5.19 -2.31
N VAL A 321 -0.80 4.98 -3.43
CA VAL A 321 -0.86 5.92 -4.54
C VAL A 321 -2.02 5.57 -5.44
N ALA A 322 -2.75 6.61 -5.88
CA ALA A 322 -3.90 6.43 -6.74
C ALA A 322 -3.92 7.30 -8.00
N ASP A 323 -4.84 6.98 -8.91
CA ASP A 323 -5.04 7.70 -10.16
C ASP A 323 -3.83 7.62 -11.07
N PHE A 324 -3.14 6.50 -11.04
CA PHE A 324 -1.97 6.36 -11.90
C PHE A 324 -2.39 6.06 -13.34
N GLY A 325 -1.80 6.78 -14.29
CA GLY A 325 -2.15 6.57 -15.68
C GLY A 325 -3.24 7.50 -16.16
N LEU A 326 -4.49 7.22 -15.81
CA LEU A 326 -5.66 8.01 -16.21
C LEU A 326 -5.47 9.39 -16.87
N ALA A 327 -4.60 10.22 -16.32
CA ALA A 327 -4.36 11.52 -16.90
C ALA A 327 -3.95 11.41 -18.38
N ARG A 328 -3.18 10.37 -18.73
CA ARG A 328 -2.75 10.20 -20.13
C ARG A 328 -3.90 9.89 -21.08
N LEU A 329 -5.09 9.67 -20.54
CA LEU A 329 -6.22 9.37 -21.40
C LEU A 329 -7.19 10.53 -21.48
N ILE A 330 -6.92 11.57 -20.69
CA ILE A 330 -7.75 12.76 -20.67
C ILE A 330 -7.72 13.46 -22.06
N GLU A 331 -8.88 13.49 -22.72
CA GLU A 331 -9.01 14.09 -24.05
C GLU A 331 -9.25 15.62 -24.08
N ASP A 332 -9.53 16.24 -22.92
CA ASP A 332 -9.76 17.69 -22.88
C ASP A 332 -8.60 18.49 -23.47
N ASN A 333 -8.87 19.11 -24.62
CA ASN A 333 -7.92 19.92 -25.38
C ASN A 333 -6.89 20.66 -24.51
N GLU A 334 -7.33 21.69 -23.79
CA GLU A 334 -6.43 22.46 -22.94
C GLU A 334 -5.50 21.55 -22.12
N TYR A 335 -6.10 20.57 -21.42
CA TYR A 335 -5.34 19.65 -20.58
C TYR A 335 -4.27 18.94 -21.39
N THR A 336 -4.59 18.57 -22.63
CA THR A 336 -3.63 17.90 -23.49
C THR A 336 -2.39 18.80 -23.71
N ALA A 337 -2.66 20.10 -23.81
CA ALA A 337 -1.60 21.08 -23.99
C ALA A 337 -1.05 21.54 -22.64
N ARG A 338 -1.22 20.72 -21.62
CA ARG A 338 -0.76 21.07 -20.27
C ARG A 338 -1.19 22.48 -19.90
N GLN A 339 -2.43 22.84 -20.21
CA GLN A 339 -2.97 24.18 -19.93
C GLN A 339 -4.39 24.15 -19.30
N GLY A 340 -4.97 25.34 -19.09
CA GLY A 340 -6.31 25.42 -18.52
C GLY A 340 -6.39 25.31 -17.01
N ALA A 341 -7.57 25.60 -16.47
CA ALA A 341 -7.82 25.57 -15.02
C ALA A 341 -7.92 24.17 -14.40
N LYS A 342 -7.78 23.13 -15.22
CA LYS A 342 -7.85 21.77 -14.72
C LYS A 342 -6.53 20.99 -14.72
N PHE A 343 -5.44 21.57 -15.23
CA PHE A 343 -4.15 20.87 -15.26
C PHE A 343 -3.27 21.20 -14.06
N PRO A 344 -2.85 20.17 -13.29
CA PRO A 344 -2.02 20.37 -12.11
C PRO A 344 -0.60 20.82 -12.45
N ILE A 345 -0.48 22.04 -12.97
CA ILE A 345 0.81 22.58 -13.36
C ILE A 345 1.83 22.71 -12.22
N LYS A 346 1.40 23.24 -11.07
CA LYS A 346 2.30 23.43 -9.94
C LYS A 346 3.01 22.15 -9.55
N TRP A 347 2.58 21.01 -10.07
CA TRP A 347 3.24 19.78 -9.75
C TRP A 347 4.02 19.28 -10.95
N THR A 348 3.60 19.70 -12.14
CA THR A 348 4.21 19.29 -13.39
C THR A 348 5.68 19.73 -13.60
N ALA A 349 6.54 18.78 -13.98
CA ALA A 349 7.93 19.11 -14.24
C ALA A 349 7.88 19.97 -15.47
N PRO A 350 8.79 20.94 -15.59
CA PRO A 350 8.86 21.85 -16.74
C PRO A 350 8.86 21.14 -18.11
N GLU A 351 9.80 20.21 -18.29
CA GLU A 351 9.91 19.48 -19.54
C GLU A 351 8.60 18.80 -19.89
N ALA A 352 7.79 18.50 -18.88
CA ALA A 352 6.54 17.83 -19.14
C ALA A 352 5.50 18.84 -19.58
N ALA A 353 5.55 20.03 -18.99
CA ALA A 353 4.60 21.08 -19.33
C ALA A 353 4.92 21.58 -20.73
N LEU A 354 6.21 21.83 -20.96
CA LEU A 354 6.71 22.32 -22.21
C LEU A 354 6.80 21.31 -23.35
N TYR A 355 7.35 20.14 -23.08
CA TYR A 355 7.50 19.18 -24.17
C TYR A 355 6.68 17.92 -24.03
N GLY A 356 5.73 17.94 -23.11
CA GLY A 356 4.93 16.75 -22.88
C GLY A 356 5.80 15.53 -22.71
N ARG A 357 7.01 15.69 -22.20
CA ARG A 357 7.86 14.54 -22.01
C ARG A 357 7.64 13.99 -20.60
N PHE A 358 6.57 13.21 -20.44
CA PHE A 358 6.22 12.59 -19.16
C PHE A 358 6.98 11.29 -18.96
N THR A 359 7.92 11.27 -18.01
CA THR A 359 8.67 10.05 -17.71
C THR A 359 8.67 9.83 -16.20
N ILE A 360 9.34 8.78 -15.75
CA ILE A 360 9.38 8.55 -14.35
C ILE A 360 10.05 9.75 -13.68
N LYS A 361 11.05 10.29 -14.36
CA LYS A 361 11.81 11.42 -13.85
C LYS A 361 10.99 12.68 -13.64
N SER A 362 9.91 12.82 -14.38
CA SER A 362 9.09 13.98 -14.20
C SER A 362 8.34 13.73 -12.90
N ASP A 363 7.96 12.47 -12.69
CA ASP A 363 7.22 12.09 -11.49
C ASP A 363 8.09 12.38 -10.29
N VAL A 364 9.39 12.06 -10.39
CA VAL A 364 10.26 12.33 -9.25
C VAL A 364 10.14 13.81 -8.89
N TRP A 365 10.04 14.66 -9.91
CA TRP A 365 9.85 16.09 -9.68
C TRP A 365 8.58 16.19 -8.82
N SER A 366 7.45 15.73 -9.38
CA SER A 366 6.18 15.75 -8.67
C SER A 366 6.28 15.36 -7.22
N PHE A 367 6.98 14.26 -6.95
CA PHE A 367 7.11 13.82 -5.59
C PHE A 367 7.73 14.91 -4.76
N GLY A 368 8.66 15.61 -5.37
CA GLY A 368 9.37 16.67 -4.68
C GLY A 368 8.38 17.68 -4.14
N ILE A 369 7.45 18.08 -4.98
CA ILE A 369 6.45 19.06 -4.58
C ILE A 369 5.65 18.41 -3.47
N LEU A 370 5.14 17.21 -3.74
CA LEU A 370 4.35 16.45 -2.80
C LEU A 370 5.02 16.49 -1.44
N LEU A 371 6.35 16.41 -1.43
CA LEU A 371 7.13 16.42 -0.19
C LEU A 371 6.90 17.67 0.64
N THR A 372 6.70 18.78 -0.04
CA THR A 372 6.47 20.01 0.68
C THR A 372 5.05 20.00 1.19
N GLU A 373 4.15 19.39 0.44
CA GLU A 373 2.77 19.30 0.90
C GLU A 373 2.85 18.62 2.28
N LEU A 374 3.60 17.53 2.34
CA LEU A 374 3.77 16.77 3.58
C LEU A 374 4.28 17.64 4.70
N THR A 375 5.31 18.41 4.45
CA THR A 375 5.88 19.26 5.50
C THR A 375 5.14 20.60 5.74
N THR A 376 3.97 20.80 5.11
CA THR A 376 3.17 22.01 5.29
C THR A 376 1.68 21.71 5.22
N LYS A 377 1.23 20.82 6.08
CA LYS A 377 -0.17 20.44 6.21
C LYS A 377 -1.07 20.68 4.99
N GLY A 378 -0.64 20.24 3.81
CA GLY A 378 -1.46 20.39 2.62
C GLY A 378 -1.57 21.80 2.10
N ARG A 379 -0.51 22.58 2.31
CA ARG A 379 -0.48 23.96 1.86
C ARG A 379 -0.25 23.91 0.38
N VAL A 380 -1.14 24.55 -0.38
CA VAL A 380 -1.02 24.58 -1.82
C VAL A 380 0.39 25.12 -2.06
N PRO A 381 1.16 24.50 -2.97
CA PRO A 381 2.53 24.96 -3.25
C PRO A 381 2.57 26.20 -4.11
N TYR A 382 3.70 26.88 -4.09
CA TYR A 382 3.86 28.14 -4.82
C TYR A 382 2.72 29.04 -4.35
N PRO A 383 2.74 29.34 -3.05
CA PRO A 383 1.81 30.16 -2.26
C PRO A 383 1.44 31.50 -2.86
N GLY A 384 2.45 32.19 -3.39
CA GLY A 384 2.26 33.50 -3.98
C GLY A 384 2.28 33.54 -5.50
N MET A 385 1.85 32.47 -6.15
CA MET A 385 1.82 32.48 -7.60
C MET A 385 0.59 31.80 -8.15
N VAL A 386 -0.06 32.45 -9.09
CA VAL A 386 -1.21 31.83 -9.69
C VAL A 386 -0.61 30.94 -10.76
N ASN A 387 -1.32 29.89 -11.09
CA ASN A 387 -0.87 28.94 -12.08
C ASN A 387 -0.16 29.57 -13.26
N ARG A 388 -0.84 30.48 -13.97
CA ARG A 388 -0.27 31.12 -15.15
C ARG A 388 1.21 31.52 -15.14
N GLU A 389 1.72 32.00 -14.01
CA GLU A 389 3.12 32.43 -13.99
C GLU A 389 4.10 31.41 -13.45
N VAL A 390 3.62 30.23 -13.10
CA VAL A 390 4.48 29.21 -12.52
C VAL A 390 5.48 28.57 -13.47
N LEU A 391 5.03 28.10 -14.61
CA LEU A 391 5.93 27.47 -15.56
C LEU A 391 7.07 28.43 -15.81
N ASP A 392 6.69 29.65 -16.16
CA ASP A 392 7.63 30.73 -16.41
C ASP A 392 8.79 30.75 -15.39
N GLN A 393 8.40 30.98 -14.14
CA GLN A 393 9.26 31.06 -12.97
C GLN A 393 10.20 29.89 -12.77
N VAL A 394 9.62 28.71 -12.79
CA VAL A 394 10.40 27.50 -12.59
C VAL A 394 11.33 27.30 -13.76
N GLU A 395 10.87 27.68 -14.95
CA GLU A 395 11.65 27.55 -16.18
C GLU A 395 12.96 28.27 -15.95
N ARG A 396 12.81 29.51 -15.49
CA ARG A 396 13.96 30.35 -15.23
C ARG A 396 14.79 29.87 -14.07
N GLY A 397 14.38 28.79 -13.43
CA GLY A 397 15.14 28.21 -12.32
C GLY A 397 14.62 28.52 -10.91
N TYR A 398 13.43 29.12 -10.82
CA TYR A 398 12.91 29.42 -9.51
C TYR A 398 12.50 28.14 -8.84
N ARG A 399 12.74 28.02 -7.54
CA ARG A 399 12.38 26.82 -6.77
C ARG A 399 11.88 27.25 -5.40
N MET A 400 10.84 26.58 -4.87
CA MET A 400 10.29 26.84 -3.51
C MET A 400 11.44 26.67 -2.53
N PRO A 401 11.67 27.68 -1.68
CA PRO A 401 12.76 27.63 -0.71
C PRO A 401 12.45 26.66 0.41
N CYS A 402 13.40 26.44 1.31
CA CYS A 402 13.10 25.53 2.41
C CYS A 402 11.88 25.98 3.16
N PRO A 403 10.89 25.08 3.29
CA PRO A 403 9.68 25.46 4.00
C PRO A 403 9.89 25.70 5.51
N PRO A 404 8.95 26.42 6.12
CA PRO A 404 8.98 26.73 7.55
C PRO A 404 8.88 25.44 8.36
N GLU A 405 9.86 25.21 9.23
CA GLU A 405 9.83 24.01 10.04
C GLU A 405 10.12 22.69 9.30
N CYS A 406 10.58 22.78 8.07
CA CYS A 406 10.93 21.57 7.36
C CYS A 406 12.43 21.44 7.48
N PRO A 407 12.94 20.28 7.92
CA PRO A 407 14.40 20.14 8.03
C PRO A 407 15.07 20.35 6.70
N GLU A 408 16.20 21.04 6.72
CA GLU A 408 16.95 21.35 5.50
C GLU A 408 17.24 20.14 4.65
N SER A 409 17.56 19.03 5.30
CA SER A 409 17.87 17.79 4.58
C SER A 409 16.72 17.43 3.66
N LEU A 410 15.50 17.63 4.13
CA LEU A 410 14.35 17.35 3.30
C LEU A 410 14.24 18.37 2.18
N HIS A 411 14.66 19.61 2.45
CA HIS A 411 14.61 20.62 1.40
C HIS A 411 15.64 20.25 0.35
N ASP A 412 16.77 19.69 0.79
CA ASP A 412 17.79 19.32 -0.16
C ASP A 412 17.29 18.13 -0.95
N LEU A 413 16.48 17.28 -0.32
CA LEU A 413 15.94 16.14 -1.04
C LEU A 413 15.11 16.76 -2.13
N MET A 414 14.18 17.59 -1.70
CA MET A 414 13.29 18.28 -2.62
C MET A 414 14.02 18.84 -3.83
N CYS A 415 15.12 19.56 -3.58
CA CYS A 415 15.93 20.17 -4.64
C CYS A 415 16.44 19.16 -5.64
N GLN A 416 16.90 18.02 -5.12
CA GLN A 416 17.40 16.96 -5.95
C GLN A 416 16.28 16.48 -6.86
N CYS A 417 15.04 16.59 -6.38
CA CYS A 417 13.86 16.19 -7.15
C CYS A 417 13.50 17.23 -8.20
N TRP A 418 14.06 18.42 -8.04
CA TRP A 418 13.77 19.50 -8.96
C TRP A 418 14.93 19.87 -9.86
N ARG A 419 15.99 19.06 -9.86
CA ARG A 419 17.13 19.33 -10.72
C ARG A 419 16.64 19.44 -12.18
N LYS A 420 16.94 20.56 -12.85
CA LYS A 420 16.52 20.83 -14.23
C LYS A 420 16.65 19.60 -15.13
N GLU A 421 17.78 18.90 -14.98
CA GLU A 421 18.06 17.71 -15.76
C GLU A 421 17.33 16.48 -15.28
N PRO A 422 16.28 16.05 -16.02
CA PRO A 422 15.50 14.88 -15.69
C PRO A 422 16.35 13.79 -15.09
N GLU A 423 17.32 13.27 -15.81
CA GLU A 423 18.08 12.20 -15.19
C GLU A 423 19.21 12.52 -14.26
N GLU A 424 19.09 13.64 -13.59
CA GLU A 424 20.05 14.00 -12.57
C GLU A 424 19.21 13.80 -11.31
N ARG A 425 17.88 13.90 -11.49
CA ARG A 425 16.92 13.70 -10.43
C ARG A 425 17.10 12.25 -10.02
N PRO A 426 17.11 11.97 -8.71
CA PRO A 426 17.28 10.61 -8.16
C PRO A 426 16.13 9.67 -8.42
N THR A 427 16.40 8.37 -8.28
CA THR A 427 15.37 7.35 -8.48
C THR A 427 14.50 7.12 -7.25
N PHE A 428 13.29 6.61 -7.46
CA PHE A 428 12.40 6.30 -6.37
C PHE A 428 13.02 5.24 -5.50
N GLU A 429 13.70 4.29 -6.12
CA GLU A 429 14.36 3.24 -5.35
C GLU A 429 15.28 3.90 -4.35
N TYR A 430 15.80 5.05 -4.75
CA TYR A 430 16.70 5.80 -3.90
C TYR A 430 15.96 6.61 -2.87
N LEU A 431 14.96 7.34 -3.33
CA LEU A 431 14.16 8.15 -2.45
C LEU A 431 13.61 7.25 -1.37
N GLN A 432 13.29 6.02 -1.75
CA GLN A 432 12.73 5.06 -0.82
C GLN A 432 13.73 4.69 0.21
N ALA A 433 14.96 4.48 -0.19
CA ALA A 433 15.96 4.12 0.79
C ALA A 433 16.28 5.32 1.67
N PHE A 434 16.45 6.48 1.05
CA PHE A 434 16.78 7.66 1.80
C PHE A 434 15.82 7.95 2.95
N LEU A 435 14.53 7.98 2.63
CA LEU A 435 13.53 8.27 3.65
C LEU A 435 13.40 7.13 4.64
N GLU A 436 13.49 5.91 4.16
CA GLU A 436 13.31 4.76 5.03
C GLU A 436 14.21 4.72 6.26
N ASP A 437 15.32 5.47 6.26
CA ASP A 437 16.17 5.49 7.44
C ASP A 437 16.72 6.83 7.73
N TYR A 438 15.88 7.70 8.25
CA TYR A 438 16.30 9.04 8.57
C TYR A 438 16.92 8.97 9.97
N PHE A 439 16.11 8.77 11.00
CA PHE A 439 16.57 8.75 12.40
C PHE A 439 17.36 7.52 12.88
N THR A 440 18.71 7.60 12.76
CA THR A 440 19.66 6.51 13.11
C THR A 440 19.02 5.13 13.33
N SER A 441 18.39 4.63 12.26
CA SER A 441 17.69 3.36 12.27
C SER A 441 17.60 2.76 10.85
N THR A 442 18.64 2.02 10.47
CA THR A 442 18.74 1.36 9.15
C THR A 442 17.93 0.07 9.05
N GLU A 443 16.94 -0.05 9.94
CA GLU A 443 16.09 -1.25 10.00
C GLU A 443 16.93 -2.50 10.42
N PRO A 444 17.89 -2.33 11.36
CA PRO A 444 18.68 -3.49 11.77
C PRO A 444 18.43 -3.69 13.28
N GLN A 445 19.40 -4.28 13.98
CA GLN A 445 19.31 -4.47 15.42
C GLN A 445 18.17 -5.38 15.90
N PTR A 446 18.54 -6.62 16.25
CA PTR A 446 17.60 -7.58 16.78
C PTR A 446 18.14 -7.86 18.17
O PTR A 446 19.31 -7.57 18.45
CB PTR A 446 17.66 -8.90 16.00
CG PTR A 446 17.27 -8.76 14.56
CD1 PTR A 446 16.38 -9.72 14.16
CD2 PTR A 446 17.77 -7.90 13.62
CE1 PTR A 446 15.97 -9.87 12.85
CE2 PTR A 446 17.37 -8.02 12.31
CZ PTR A 446 16.49 -9.01 11.95
OH PTR A 446 16.16 -9.20 10.60
P PTR A 446 15.46 -8.16 9.59
O1P PTR A 446 15.02 -7.09 10.51
O2P PTR A 446 14.42 -9.04 9.00
O3P PTR A 446 16.66 -7.91 8.76
N GLN A 447 17.32 -8.41 19.05
CA GLN A 447 17.81 -8.74 20.36
C GLN A 447 18.90 -9.84 20.27
N PRO A 448 19.65 -10.07 21.36
CA PRO A 448 20.72 -11.09 21.37
C PRO A 448 20.27 -12.54 21.59
N GLY A 449 19.58 -12.81 22.69
CA GLY A 449 19.11 -14.17 23.01
C GLY A 449 18.38 -14.24 24.35
N GLU A 450 19.02 -14.76 25.39
CA GLU A 450 18.39 -14.84 26.71
C GLU A 450 18.67 -13.54 27.48
N ASN A 451 17.67 -12.68 27.60
CA ASN A 451 17.84 -11.42 28.33
C ASN A 451 17.90 -11.68 29.85
N LEU A 452 17.35 -12.84 30.23
CA LEU A 452 17.28 -13.35 31.61
C LEU A 452 16.97 -14.84 31.69
PB NBS B . -9.26 14.43 -7.19
O4P NBS B . -10.18 15.55 -7.57
O5P NBS B . -8.56 13.74 -8.32
O6P NBS B . -8.42 14.72 -5.96
PA NBS B . -10.74 11.91 -7.16
O1P NBS B . -12.16 11.64 -6.85
O2P NBS B . -10.23 11.55 -8.52
O3P NBS B . -10.50 13.46 -6.66
O5' NBS B . -9.93 11.05 -6.06
C5' NBS B . -9.73 11.49 -4.71
C4' NBS B . -11.00 12.04 -4.03
O4' NBS B . -12.10 11.08 -4.01
C1' NBS B . -12.05 10.34 -2.77
N9 NBS B . -11.56 8.98 -3.02
C4 NBS B . -11.66 7.89 -2.19
N3 NBS B . -12.20 7.88 -0.95
C2 NBS B . -12.16 6.65 -0.43
N1 NBS B . -11.67 5.53 -0.97
C6 NBS B . -11.14 5.57 -2.21
N6 NBS B . -10.68 4.38 -2.77
CB1 NBS B . -9.78 4.30 -3.91
CB2 NBS B . -10.50 4.03 -5.27
CB3 NBS B . -9.87 3.27 -6.24
CB4 NBS B . -10.49 3.05 -7.50
CB5 NBS B . -11.74 3.62 -7.76
CB6 NBS B . -12.37 4.38 -6.77
CB7 NBS B . -11.75 4.58 -5.52
C5 NBS B . -11.14 6.82 -2.88
N7 NBS B . -10.69 7.22 -4.12
C8 NBS B . -10.95 8.49 -4.16
C2' NBS B . -11.11 11.10 -1.84
O2' NBS B . -11.76 11.43 -0.61
C3' NBS B . -10.69 12.34 -2.58
O3' NBS B . -11.46 13.46 -2.19
#